data_5KAS
#
_entry.id   5KAS
#
_cell.length_a   50.892
_cell.length_b   47.031
_cell.length_c   93.861
_cell.angle_alpha   90.00
_cell.angle_beta   98.07
_cell.angle_gamma   90.00
#
_symmetry.space_group_name_H-M   'P 1 2 1'
#
loop_
_entity.id
_entity.type
_entity.pdbx_description
1 polymer 'Acid sphingomyelinase-like phosphodiesterase 3b'
2 branched 2-acetamido-2-deoxy-beta-D-glucopyranose-(1-4)-2-acetamido-2-deoxy-beta-D-glucopyranose
3 branched alpha-D-mannopyranose-(1-3)-beta-D-mannopyranose-(1-4)-2-acetamido-2-deoxy-beta-D-glucopyranose-(1-4)-2-acetamido-2-deoxy-beta-D-glucopyranose
4 branched 2-acetamido-2-deoxy-beta-D-glucopyranose-(1-4)-[alpha-L-fucopyranose-(1-6)]2-acetamido-2-deoxy-beta-D-glucopyranose
5 non-polymer 'ZINC ION'
6 non-polymer 'NITRATE ION'
7 non-polymer PHOSPHOCHOLINE
8 water water
#
_entity_poly.entity_id   1
_entity_poly.type   'polypeptide(L)'
_entity_poly.pdbx_seq_one_letter_code
;DRHHHHHHKLQLGRFWHISDLHLDPNYTVSKDPLQVCPSAGSQPVLNAGPWGDYLCDSPWALINSSLYAMKEIEPKPDFI
LWTGDDTPHVPNESLGEAAVLAIVERLTNLIKEVFPDTKVYAALGNHDFHPKNQFPAQSNRIYNQVAELWRPWLSNESYA
LFKRGAFYSEKLPGPSRAGRVVVLNTNLYYSNNEQTAGMADPGEQFRWLGDVLSNASRDGEMVYVIGHVPPGFFEKTQNK
AWFRESFNEEYLKVIQKHHRVIAGQFFGHHHTDSFRMFYDNTGAPINVMFLTPGVTPWKTTLPGVVDGANNPGIRIFEYD
RATLNLKDLVTYFLNLRQANVQETPRWEQEYRLTEAYQVPDASVSSMHTALTRIASEPHILQRYYVYNSVSYNHLTCEDS
CRIEHVCAIQHVAFNTYATCLHGLGAK
;
_entity_poly.pdbx_strand_id   A
#
loop_
_chem_comp.id
_chem_comp.type
_chem_comp.name
_chem_comp.formula
BMA D-saccharide, beta linking beta-D-mannopyranose 'C6 H12 O6'
FUC L-saccharide, alpha linking alpha-L-fucopyranose 'C6 H12 O5'
MAN D-saccharide, alpha linking alpha-D-mannopyranose 'C6 H12 O6'
NAG D-saccharide, beta linking 2-acetamido-2-deoxy-beta-D-glucopyranose 'C8 H15 N O6'
NO3 non-polymer 'NITRATE ION' 'N O3 -1'
PC non-polymer PHOSPHOCHOLINE 'C5 H15 N O4 P 1'
ZN non-polymer 'ZINC ION' 'Zn 2'
#
# COMPACT_ATOMS: atom_id res chain seq x y z
N LEU A 12 14.10 -18.57 -6.91
CA LEU A 12 13.55 -17.22 -6.98
C LEU A 12 12.03 -17.24 -7.02
N GLY A 13 11.39 -16.71 -5.98
CA GLY A 13 9.96 -16.62 -5.92
C GLY A 13 9.46 -15.25 -6.35
N ARG A 14 8.15 -15.16 -6.56
CA ARG A 14 7.50 -13.92 -6.93
C ARG A 14 6.22 -13.78 -6.11
N PHE A 15 5.89 -12.53 -5.76
CA PHE A 15 4.58 -12.26 -5.17
C PHE A 15 4.06 -10.93 -5.68
N TRP A 16 2.75 -10.87 -5.85
CA TRP A 16 2.07 -9.63 -6.19
C TRP A 16 1.81 -8.83 -4.93
N HIS A 17 1.85 -7.50 -5.09
CA HIS A 17 1.38 -6.57 -4.08
C HIS A 17 0.40 -5.63 -4.77
N ILE A 18 -0.86 -5.67 -4.33
CA ILE A 18 -1.87 -4.78 -4.88
C ILE A 18 -2.52 -4.06 -3.71
N SER A 19 -3.00 -2.84 -3.99
CA SER A 19 -3.51 -2.00 -2.92
C SER A 19 -4.41 -0.92 -3.51
N ASP A 20 -5.32 -0.42 -2.69
CA ASP A 20 -6.11 0.76 -3.00
C ASP A 20 -6.86 0.61 -4.33
N LEU A 21 -7.63 -0.46 -4.41
CA LEU A 21 -8.47 -0.70 -5.58
C LEU A 21 -9.63 0.27 -5.66
N HIS A 22 -10.18 0.66 -4.51
CA HIS A 22 -11.26 1.64 -4.40
C HIS A 22 -12.31 1.54 -5.50
N LEU A 23 -13.18 0.53 -5.41
CA LEU A 23 -14.29 0.41 -6.36
C LEU A 23 -15.25 1.58 -6.20
N ASP A 24 -15.62 2.21 -7.32
CA ASP A 24 -16.78 3.09 -7.30
C ASP A 24 -17.95 2.33 -7.89
N PRO A 25 -18.90 1.88 -7.08
CA PRO A 25 -19.97 1.01 -7.61
C PRO A 25 -20.86 1.71 -8.62
N ASN A 26 -20.93 3.04 -8.58
CA ASN A 26 -21.88 3.79 -9.39
C ASN A 26 -21.22 4.46 -10.59
N TYR A 27 -19.99 4.07 -10.93
CA TYR A 27 -19.33 4.59 -12.11
C TYR A 27 -20.14 4.23 -13.35
N THR A 28 -20.51 5.25 -14.13
CA THR A 28 -21.30 5.02 -15.33
C THR A 28 -20.85 6.00 -16.40
N VAL A 29 -20.52 5.49 -17.58
CA VAL A 29 -20.29 6.38 -18.72
C VAL A 29 -21.61 7.09 -18.99
N SER A 30 -21.64 8.40 -18.73
CA SER A 30 -22.86 9.19 -18.88
C SER A 30 -22.54 10.44 -19.67
N LYS A 31 -23.58 10.97 -20.32
CA LYS A 31 -23.48 12.27 -20.97
C LYS A 31 -23.59 13.42 -19.97
N ASP A 32 -24.04 13.16 -18.75
CA ASP A 32 -24.10 14.17 -17.70
C ASP A 32 -22.78 14.14 -16.93
N PRO A 33 -21.92 15.15 -17.06
CA PRO A 33 -20.61 15.08 -16.38
C PRO A 33 -20.69 14.99 -14.86
N LEU A 34 -21.82 15.35 -14.26
CA LEU A 34 -21.96 15.32 -12.82
C LEU A 34 -22.60 14.03 -12.31
N GLN A 35 -22.84 13.06 -13.20
CA GLN A 35 -23.40 11.78 -12.80
C GLN A 35 -22.59 10.62 -13.36
N VAL A 36 -21.29 10.83 -13.55
CA VAL A 36 -20.39 9.76 -13.96
C VAL A 36 -19.94 8.95 -12.75
N CYS A 37 -19.48 9.63 -11.71
CA CYS A 37 -18.96 8.91 -10.55
C CYS A 37 -19.13 9.75 -9.29
N PRO A 38 -19.79 9.25 -8.24
CA PRO A 38 -19.90 10.06 -7.01
C PRO A 38 -18.54 10.36 -6.39
N SER A 39 -17.53 9.53 -6.65
CA SER A 39 -16.20 9.76 -6.08
C SER A 39 -15.53 11.01 -6.62
N ALA A 40 -16.05 11.59 -7.70
CA ALA A 40 -15.52 12.87 -8.19
C ALA A 40 -16.16 14.06 -7.49
N GLY A 41 -17.10 13.84 -6.59
CA GLY A 41 -17.73 14.94 -5.88
C GLY A 41 -18.49 15.83 -6.85
N SER A 42 -18.21 17.13 -6.76
CA SER A 42 -18.86 18.11 -7.63
C SER A 42 -18.06 18.38 -8.90
N GLN A 43 -16.92 17.72 -9.08
CA GLN A 43 -16.09 17.97 -10.24
C GLN A 43 -16.77 17.43 -11.50
N PRO A 44 -16.85 18.20 -12.59
CA PRO A 44 -17.38 17.65 -13.83
C PRO A 44 -16.42 16.64 -14.45
N VAL A 45 -16.95 15.50 -14.86
CA VAL A 45 -16.16 14.44 -15.48
C VAL A 45 -16.55 14.43 -16.96
N LEU A 46 -15.69 15.02 -17.80
CA LEU A 46 -15.99 15.24 -19.21
C LEU A 46 -15.52 14.05 -20.03
N ASN A 47 -16.39 13.57 -20.93
CA ASN A 47 -16.09 12.44 -21.80
C ASN A 47 -15.41 11.31 -21.04
N ALA A 48 -16.13 10.70 -20.09
CA ALA A 48 -15.57 9.60 -19.32
C ALA A 48 -15.46 8.35 -20.17
N GLY A 49 -14.38 7.60 -19.97
CA GLY A 49 -14.14 6.37 -20.67
C GLY A 49 -14.55 5.16 -19.86
N PRO A 50 -14.57 3.99 -20.51
CA PRO A 50 -15.04 2.78 -19.83
C PRO A 50 -14.07 2.20 -18.82
N TRP A 51 -12.77 2.55 -18.88
CA TRP A 51 -11.80 1.99 -17.97
C TRP A 51 -11.54 2.89 -16.78
N GLY A 52 -12.17 4.06 -16.71
CA GLY A 52 -11.98 4.96 -15.60
C GLY A 52 -11.67 6.36 -16.07
N ASP A 53 -11.49 7.23 -15.08
CA ASP A 53 -11.19 8.64 -15.27
C ASP A 53 -10.32 9.09 -14.11
N TYR A 54 -9.39 10.00 -14.37
CA TYR A 54 -8.47 10.43 -13.31
C TYR A 54 -9.20 11.13 -12.16
N LEU A 55 -10.43 11.58 -12.37
CA LEU A 55 -11.19 12.21 -11.29
C LEU A 55 -12.01 11.22 -10.48
N CYS A 56 -12.11 9.98 -10.93
CA CYS A 56 -12.99 8.98 -10.33
C CYS A 56 -12.19 7.86 -9.69
N ASP A 57 -12.84 7.20 -8.72
CA ASP A 57 -12.36 5.90 -8.30
C ASP A 57 -12.65 4.85 -9.38
N SER A 58 -12.16 3.64 -9.13
CA SER A 58 -12.09 2.62 -10.19
C SER A 58 -13.47 2.08 -10.54
N PRO A 59 -13.84 2.04 -11.81
CA PRO A 59 -14.98 1.20 -12.19
C PRO A 59 -14.60 -0.26 -12.10
N TRP A 60 -15.62 -1.12 -11.93
CA TRP A 60 -15.36 -2.55 -11.86
C TRP A 60 -14.52 -3.02 -13.04
N ALA A 61 -14.75 -2.45 -14.23
CA ALA A 61 -14.01 -2.89 -15.41
C ALA A 61 -12.51 -2.69 -15.24
N LEU A 62 -12.11 -1.62 -14.54
CA LEU A 62 -10.68 -1.40 -14.29
C LEU A 62 -10.14 -2.42 -13.30
N ILE A 63 -10.87 -2.65 -12.20
CA ILE A 63 -10.42 -3.62 -11.20
C ILE A 63 -10.34 -5.00 -11.83
N ASN A 64 -11.36 -5.37 -12.59
CA ASN A 64 -11.34 -6.66 -13.26
C ASN A 64 -10.16 -6.75 -14.22
N SER A 65 -9.88 -5.66 -14.93
CA SER A 65 -8.73 -5.62 -15.83
C SER A 65 -7.44 -5.84 -15.06
N SER A 66 -7.30 -5.20 -13.89
CA SER A 66 -6.04 -5.31 -13.16
C SER A 66 -5.78 -6.74 -12.71
N LEU A 67 -6.82 -7.45 -12.27
CA LEU A 67 -6.61 -8.81 -11.78
C LEU A 67 -6.25 -9.76 -12.92
N TYR A 68 -6.91 -9.62 -14.08
CA TYR A 68 -6.57 -10.47 -15.21
C TYR A 68 -5.22 -10.09 -15.80
N ALA A 69 -4.81 -8.82 -15.70
CA ALA A 69 -3.46 -8.45 -16.09
C ALA A 69 -2.42 -9.12 -15.19
N MET A 70 -2.69 -9.17 -13.87
CA MET A 70 -1.82 -9.91 -12.98
C MET A 70 -1.72 -11.37 -13.40
N LYS A 71 -2.84 -11.99 -13.78
CA LYS A 71 -2.81 -13.41 -14.13
C LYS A 71 -2.01 -13.64 -15.39
N GLU A 72 -2.08 -12.72 -16.35
CA GLU A 72 -1.34 -12.86 -17.59
C GLU A 72 0.15 -12.67 -17.37
N ILE A 73 0.55 -11.77 -16.46
CA ILE A 73 1.95 -11.52 -16.18
C ILE A 73 2.56 -12.64 -15.34
N GLU A 74 1.85 -13.09 -14.30
CA GLU A 74 2.33 -14.17 -13.44
C GLU A 74 1.15 -14.88 -12.82
N PRO A 75 0.67 -15.96 -13.46
CA PRO A 75 -0.53 -16.65 -12.94
C PRO A 75 -0.29 -17.55 -11.74
N LYS A 76 0.95 -17.83 -11.39
CA LYS A 76 1.27 -18.71 -10.25
C LYS A 76 2.27 -18.03 -9.33
N PRO A 77 1.89 -16.92 -8.73
CA PRO A 77 2.76 -16.29 -7.72
C PRO A 77 2.83 -17.15 -6.47
N ASP A 78 3.93 -16.99 -5.72
CA ASP A 78 4.03 -17.70 -4.45
C ASP A 78 2.91 -17.30 -3.50
N PHE A 79 2.51 -16.03 -3.54
CA PHE A 79 1.39 -15.51 -2.75
C PHE A 79 1.07 -14.11 -3.25
N ILE A 80 0.01 -13.54 -2.70
CA ILE A 80 -0.41 -12.18 -3.03
C ILE A 80 -0.53 -11.39 -1.73
N LEU A 81 0.01 -10.17 -1.73
CA LEU A 81 -0.23 -9.21 -0.66
C LEU A 81 -1.29 -8.21 -1.11
N TRP A 82 -2.31 -8.01 -0.28
CA TRP A 82 -3.42 -7.13 -0.60
C TRP A 82 -3.63 -6.20 0.58
N THR A 83 -3.28 -4.92 0.44
CA THR A 83 -3.25 -4.04 1.61
C THR A 83 -4.41 -3.04 1.64
N GLY A 84 -5.57 -3.41 1.06
CA GLY A 84 -6.85 -2.79 1.43
C GLY A 84 -7.21 -1.51 0.70
N ASP A 85 -8.29 -0.88 1.21
CA ASP A 85 -8.92 0.34 0.67
C ASP A 85 -9.73 0.00 -0.57
N ASP A 86 -10.93 -0.53 -0.36
CA ASP A 86 -11.76 -1.12 -1.40
C ASP A 86 -12.94 -0.26 -1.82
N THR A 87 -13.30 0.73 -1.04
CA THR A 87 -14.54 1.47 -1.22
C THR A 87 -14.26 2.88 -1.72
N PRO A 88 -15.25 3.56 -2.27
CA PRO A 88 -14.99 4.85 -2.92
C PRO A 88 -14.88 6.00 -1.94
N HIS A 89 -14.29 7.08 -2.43
CA HIS A 89 -14.12 8.31 -1.67
C HIS A 89 -15.41 9.11 -1.81
N VAL A 90 -16.36 8.79 -0.93
CA VAL A 90 -17.66 9.46 -0.90
C VAL A 90 -18.02 9.74 0.56
N PRO A 91 -19.04 10.57 0.82
CA PRO A 91 -19.45 10.80 2.20
C PRO A 91 -19.96 9.52 2.87
N ASN A 92 -19.82 9.44 4.19
CA ASN A 92 -20.27 8.25 4.90
C ASN A 92 -21.74 7.96 4.64
N GLU A 93 -22.55 9.02 4.50
CA GLU A 93 -23.99 8.84 4.31
C GLU A 93 -24.32 8.16 2.98
N SER A 94 -23.39 8.16 2.03
CA SER A 94 -23.57 7.48 0.75
C SER A 94 -23.14 6.02 0.81
N LEU A 95 -22.56 5.57 1.92
CA LEU A 95 -21.83 4.30 1.93
C LEU A 95 -22.00 3.65 3.30
N GLY A 96 -23.03 2.82 3.44
CA GLY A 96 -23.33 2.16 4.70
C GLY A 96 -22.53 0.89 4.91
N GLU A 97 -22.77 0.28 6.07
CA GLU A 97 -21.99 -0.90 6.45
C GLU A 97 -22.22 -2.06 5.50
N ALA A 98 -23.46 -2.29 5.10
CA ALA A 98 -23.76 -3.40 4.20
C ALA A 98 -23.03 -3.25 2.88
N ALA A 99 -22.98 -2.03 2.33
CA ALA A 99 -22.30 -1.81 1.06
C ALA A 99 -20.79 -2.00 1.22
N VAL A 100 -20.23 -1.55 2.34
CA VAL A 100 -18.80 -1.76 2.57
C VAL A 100 -18.48 -3.25 2.52
N LEU A 101 -19.24 -4.06 3.28
CA LEU A 101 -18.95 -5.49 3.32
C LEU A 101 -19.18 -6.15 1.97
N ALA A 102 -20.23 -5.74 1.25
CA ALA A 102 -20.48 -6.32 -0.06
C ALA A 102 -19.35 -6.02 -1.03
N ILE A 103 -18.82 -4.81 -0.98
CA ILE A 103 -17.69 -4.45 -1.84
C ILE A 103 -16.46 -5.27 -1.50
N VAL A 104 -16.11 -5.35 -0.21
CA VAL A 104 -14.98 -6.19 0.18
C VAL A 104 -15.19 -7.63 -0.30
N GLU A 105 -16.40 -8.14 -0.14
CA GLU A 105 -16.70 -9.51 -0.57
C GLU A 105 -16.57 -9.65 -2.08
N ARG A 106 -17.02 -8.66 -2.85
CA ARG A 106 -16.93 -8.77 -4.30
C ARG A 106 -15.48 -8.80 -4.76
N LEU A 107 -14.63 -7.96 -4.18
CA LEU A 107 -13.21 -7.97 -4.55
C LEU A 107 -12.54 -9.24 -4.10
N THR A 108 -12.86 -9.70 -2.87
CA THR A 108 -12.34 -10.97 -2.40
C THR A 108 -12.68 -12.10 -3.36
N ASN A 109 -13.92 -12.13 -3.85
CA ASN A 109 -14.33 -13.21 -4.73
C ASN A 109 -13.62 -13.13 -6.08
N LEU A 110 -13.37 -11.91 -6.57
CA LEU A 110 -12.61 -11.77 -7.81
C LEU A 110 -11.21 -12.35 -7.67
N ILE A 111 -10.51 -12.01 -6.58
CA ILE A 111 -9.16 -12.54 -6.37
C ILE A 111 -9.21 -14.06 -6.28
N LYS A 112 -10.19 -14.60 -5.55
CA LYS A 112 -10.32 -16.05 -5.45
C LYS A 112 -10.63 -16.68 -6.78
N GLU A 113 -11.38 -15.98 -7.62
CA GLU A 113 -11.73 -16.53 -8.94
C GLU A 113 -10.52 -16.57 -9.86
N VAL A 114 -9.69 -15.53 -9.83
CA VAL A 114 -8.58 -15.43 -10.77
C VAL A 114 -7.36 -16.21 -10.27
N PHE A 115 -7.16 -16.27 -8.95
CA PHE A 115 -6.04 -16.99 -8.34
C PHE A 115 -6.61 -18.00 -7.34
N PRO A 116 -7.33 -19.02 -7.83
CA PRO A 116 -8.05 -19.92 -6.91
C PRO A 116 -7.17 -20.73 -6.00
N ASP A 117 -5.90 -20.92 -6.34
CA ASP A 117 -5.01 -21.77 -5.55
C ASP A 117 -3.95 -20.97 -4.81
N THR A 118 -4.05 -19.65 -4.79
CA THR A 118 -2.99 -18.79 -4.28
C THR A 118 -3.36 -18.29 -2.88
N LYS A 119 -2.42 -18.39 -1.96
CA LYS A 119 -2.60 -17.81 -0.64
C LYS A 119 -2.52 -16.28 -0.75
N VAL A 120 -3.46 -15.61 -0.09
CA VAL A 120 -3.51 -14.15 -0.06
C VAL A 120 -3.35 -13.71 1.39
N TYR A 121 -2.53 -12.69 1.61
CA TYR A 121 -2.37 -12.06 2.91
C TYR A 121 -2.97 -10.67 2.79
N ALA A 122 -4.09 -10.46 3.46
CA ALA A 122 -4.92 -9.30 3.24
C ALA A 122 -5.04 -8.48 4.52
N ALA A 123 -4.93 -7.17 4.37
CA ALA A 123 -5.13 -6.21 5.43
C ALA A 123 -6.26 -5.27 5.07
N LEU A 124 -6.97 -4.77 6.09
CA LEU A 124 -7.99 -3.78 5.84
C LEU A 124 -7.36 -2.40 5.68
N GLY A 125 -7.93 -1.62 4.76
CA GLY A 125 -7.58 -0.22 4.61
C GLY A 125 -8.58 0.66 5.35
N ASN A 126 -8.22 1.93 5.48
CA ASN A 126 -8.99 2.82 6.34
C ASN A 126 -10.39 3.08 5.80
N HIS A 127 -10.62 2.91 4.50
CA HIS A 127 -11.95 3.04 3.91
C HIS A 127 -12.77 1.77 4.00
N ASP A 128 -12.20 0.67 4.52
CA ASP A 128 -12.90 -0.61 4.61
C ASP A 128 -13.67 -0.73 5.92
N PHE A 129 -14.38 0.34 6.26
CA PHE A 129 -15.12 0.40 7.52
C PHE A 129 -16.23 1.44 7.37
N HIS A 130 -17.28 1.28 8.16
CA HIS A 130 -18.30 2.32 8.28
C HIS A 130 -18.50 2.71 9.75
N PRO A 131 -18.34 4.00 10.08
CA PRO A 131 -17.89 5.11 9.23
C PRO A 131 -16.42 4.96 8.86
N LYS A 132 -15.97 5.63 7.81
CA LYS A 132 -14.59 5.49 7.36
C LYS A 132 -13.63 5.92 8.47
N ASN A 133 -12.49 5.21 8.54
CA ASN A 133 -11.38 5.55 9.42
C ASN A 133 -11.64 5.20 10.89
N GLN A 134 -12.85 4.78 11.24
CA GLN A 134 -13.19 4.60 12.66
C GLN A 134 -13.02 3.13 13.08
N PHE A 135 -11.79 2.65 12.94
CA PHE A 135 -11.49 1.26 13.26
C PHE A 135 -11.40 1.08 14.77
N PRO A 136 -12.21 0.22 15.38
CA PRO A 136 -12.11 0.01 16.83
C PRO A 136 -11.01 -0.97 17.19
N ALA A 137 -10.50 -0.82 18.41
CA ALA A 137 -9.55 -1.75 19.00
C ALA A 137 -10.24 -2.93 19.66
N GLN A 138 -11.36 -3.38 19.11
CA GLN A 138 -12.09 -4.52 19.64
C GLN A 138 -12.94 -5.10 18.52
N SER A 139 -13.50 -6.28 18.77
CA SER A 139 -14.29 -6.96 17.76
C SER A 139 -15.50 -6.12 17.38
N ASN A 140 -16.02 -6.39 16.18
CA ASN A 140 -17.15 -5.68 15.63
C ASN A 140 -17.62 -6.47 14.41
N ARG A 141 -18.75 -6.04 13.84
CA ARG A 141 -19.35 -6.81 12.75
C ARG A 141 -18.42 -6.89 11.55
N ILE A 142 -17.70 -5.81 11.25
CA ILE A 142 -16.85 -5.80 10.08
C ILE A 142 -15.67 -6.74 10.27
N TYR A 143 -14.99 -6.69 11.41
CA TYR A 143 -13.92 -7.65 11.62
C TYR A 143 -14.44 -9.07 11.57
N ASN A 144 -15.61 -9.33 12.19
CA ASN A 144 -16.15 -10.68 12.19
C ASN A 144 -16.49 -11.15 10.78
N GLN A 145 -17.13 -10.29 10.00
CA GLN A 145 -17.58 -10.73 8.67
CA GLN A 145 -17.58 -10.73 8.67
C GLN A 145 -16.39 -10.86 7.71
N VAL A 146 -15.44 -9.93 7.79
CA VAL A 146 -14.26 -10.05 6.92
C VAL A 146 -13.47 -11.31 7.27
N ALA A 147 -13.39 -11.64 8.56
CA ALA A 147 -12.74 -12.89 8.94
C ALA A 147 -13.38 -14.07 8.26
N GLU A 148 -14.71 -14.03 8.07
CA GLU A 148 -15.38 -15.12 7.36
C GLU A 148 -15.03 -15.10 5.87
N LEU A 149 -14.95 -13.91 5.28
CA LEU A 149 -14.59 -13.81 3.87
C LEU A 149 -13.19 -14.34 3.61
N TRP A 150 -12.25 -14.05 4.51
CA TRP A 150 -10.85 -14.39 4.32
C TRP A 150 -10.47 -15.70 5.01
N ARG A 151 -11.44 -16.40 5.57
CA ARG A 151 -11.14 -17.63 6.31
C ARG A 151 -10.30 -18.63 5.53
N PRO A 152 -10.53 -18.87 4.23
CA PRO A 152 -9.67 -19.82 3.50
C PRO A 152 -8.21 -19.44 3.51
N TRP A 153 -7.90 -18.18 3.79
CA TRP A 153 -6.54 -17.69 3.83
C TRP A 153 -5.95 -17.65 5.23
N LEU A 154 -6.76 -17.92 6.25
CA LEU A 154 -6.37 -17.73 7.64
C LEU A 154 -6.25 -19.06 8.35
N SER A 155 -5.21 -19.19 9.17
CA SER A 155 -5.14 -20.28 10.13
C SER A 155 -6.22 -20.10 11.20
N ASN A 156 -6.47 -21.17 11.97
CA ASN A 156 -7.40 -21.06 13.08
C ASN A 156 -6.99 -19.95 14.04
N GLU A 157 -5.68 -19.84 14.31
CA GLU A 157 -5.19 -18.78 15.18
C GLU A 157 -5.40 -17.41 14.56
N SER A 158 -5.08 -17.25 13.27
CA SER A 158 -5.25 -15.97 12.60
C SER A 158 -6.72 -15.58 12.51
N TYR A 159 -7.58 -16.57 12.26
CA TYR A 159 -9.01 -16.32 12.21
C TYR A 159 -9.50 -15.69 13.51
N ALA A 160 -9.15 -16.30 14.65
CA ALA A 160 -9.58 -15.74 15.92
C ALA A 160 -8.97 -14.36 16.14
N LEU A 161 -7.70 -14.17 15.78
CA LEU A 161 -7.07 -12.87 15.97
C LEU A 161 -7.72 -11.82 15.08
N PHE A 162 -8.10 -12.19 13.86
CA PHE A 162 -8.69 -11.19 12.96
C PHE A 162 -9.99 -10.64 13.54
N LYS A 163 -10.82 -11.51 14.13
CA LYS A 163 -12.09 -11.07 14.68
C LYS A 163 -11.89 -10.07 15.81
N ARG A 164 -10.79 -10.16 16.53
CA ARG A 164 -10.57 -9.27 17.66
C ARG A 164 -9.97 -7.93 17.24
N GLY A 165 -9.11 -7.91 16.22
CA GLY A 165 -8.40 -6.69 15.91
C GLY A 165 -7.94 -6.50 14.48
N ALA A 166 -8.30 -7.43 13.58
CA ALA A 166 -7.94 -7.34 12.16
C ALA A 166 -6.43 -7.31 11.94
N PHE A 167 -5.68 -7.99 12.82
CA PHE A 167 -4.26 -8.23 12.61
C PHE A 167 -3.94 -9.67 12.96
N TYR A 168 -2.88 -10.20 12.36
CA TYR A 168 -2.56 -11.62 12.45
C TYR A 168 -1.21 -11.87 11.81
N SER A 169 -0.69 -13.09 12.00
CA SER A 169 0.54 -13.50 11.35
C SER A 169 0.39 -14.93 10.85
N GLU A 170 0.96 -15.20 9.68
CA GLU A 170 0.82 -16.46 8.97
C GLU A 170 2.17 -16.93 8.49
N LYS A 171 2.44 -18.23 8.61
CA LYS A 171 3.60 -18.81 7.94
C LYS A 171 3.45 -18.66 6.42
N LEU A 172 4.58 -18.50 5.76
CA LEU A 172 4.55 -18.60 4.31
C LEU A 172 4.49 -20.07 3.89
N PRO A 173 3.95 -20.37 2.72
CA PRO A 173 3.96 -21.76 2.25
C PRO A 173 5.35 -22.16 1.80
N GLY A 174 5.55 -23.46 1.69
CA GLY A 174 6.72 -23.95 0.97
C GLY A 174 6.55 -23.45 -0.45
N PRO A 175 7.66 -23.24 -1.17
CA PRO A 175 9.06 -23.56 -0.83
C PRO A 175 9.82 -22.51 -0.02
N SER A 176 9.15 -21.49 0.52
CA SER A 176 9.85 -20.56 1.41
C SER A 176 10.32 -21.31 2.65
N ARG A 177 11.62 -21.25 2.92
CA ARG A 177 12.23 -22.08 3.94
C ARG A 177 11.67 -21.77 5.33
N ALA A 178 11.81 -20.53 5.77
CA ALA A 178 11.43 -20.14 7.14
C ALA A 178 10.96 -18.68 7.06
N GLY A 179 9.73 -18.51 6.60
CA GLY A 179 9.20 -17.19 6.36
C GLY A 179 7.85 -17.02 7.04
N ARG A 180 7.53 -15.75 7.33
CA ARG A 180 6.29 -15.41 7.99
C ARG A 180 5.84 -14.04 7.48
N VAL A 181 4.53 -13.88 7.32
CA VAL A 181 3.94 -12.59 6.98
C VAL A 181 3.17 -12.09 8.20
N VAL A 182 3.44 -10.84 8.59
CA VAL A 182 2.74 -10.19 9.69
C VAL A 182 1.82 -9.14 9.07
N VAL A 183 0.53 -9.27 9.32
CA VAL A 183 -0.48 -8.39 8.76
C VAL A 183 -0.98 -7.47 9.87
N LEU A 184 -0.78 -6.18 9.70
CA LEU A 184 -1.12 -5.19 10.70
C LEU A 184 -2.43 -4.48 10.36
N ASN A 185 -3.05 -3.95 11.40
CA ASN A 185 -4.17 -3.03 11.28
C ASN A 185 -3.64 -1.66 11.72
N THR A 186 -3.05 -0.92 10.78
CA THR A 186 -2.48 0.36 11.17
C THR A 186 -3.52 1.47 11.10
N ASN A 187 -4.76 1.14 10.73
CA ASN A 187 -5.84 2.11 10.80
C ASN A 187 -6.13 2.49 12.23
N LEU A 188 -5.73 1.66 13.19
CA LEU A 188 -5.84 2.02 14.60
C LEU A 188 -5.04 3.26 14.94
N TYR A 189 -4.01 3.60 14.14
CA TYR A 189 -3.10 4.68 14.45
C TYR A 189 -3.39 5.97 13.71
N TYR A 190 -4.33 5.95 12.77
CA TYR A 190 -4.66 7.12 11.99
C TYR A 190 -5.16 8.24 12.90
N SER A 191 -4.64 9.46 12.67
CA SER A 191 -5.04 10.58 13.50
C SER A 191 -6.54 10.85 13.42
N ASN A 192 -7.18 10.49 12.31
CA ASN A 192 -8.61 10.70 12.13
C ASN A 192 -9.47 9.63 12.80
N ASN A 193 -8.86 8.65 13.46
CA ASN A 193 -9.59 7.54 14.08
C ASN A 193 -9.87 7.91 15.53
N GLU A 194 -11.10 8.31 15.82
CA GLU A 194 -11.45 8.72 17.17
C GLU A 194 -11.66 7.55 18.12
N GLN A 195 -11.77 6.32 17.60
CA GLN A 195 -11.98 5.15 18.44
C GLN A 195 -10.74 4.81 19.26
N THR A 196 -9.56 5.25 18.83
CA THR A 196 -8.32 4.90 19.51
C THR A 196 -7.67 6.11 20.19
N ALA A 197 -8.33 7.27 20.18
CA ALA A 197 -7.81 8.40 20.93
C ALA A 197 -7.64 8.02 22.40
N GLY A 198 -6.51 8.44 22.98
CA GLY A 198 -6.22 8.20 24.37
C GLY A 198 -5.73 6.80 24.70
N MET A 199 -5.54 5.94 23.71
CA MET A 199 -5.02 4.60 23.92
C MET A 199 -3.56 4.55 23.49
N ALA A 200 -2.70 4.05 24.37
CA ALA A 200 -1.27 3.98 24.05
C ALA A 200 -0.96 2.79 23.13
N ASP A 201 -1.65 1.67 23.33
CA ASP A 201 -1.42 0.46 22.54
C ASP A 201 -2.78 -0.15 22.21
N PRO A 202 -3.53 0.49 21.30
CA PRO A 202 -4.86 -0.03 20.97
C PRO A 202 -4.77 -1.47 20.48
N GLY A 203 -5.63 -2.31 21.05
CA GLY A 203 -5.64 -3.73 20.76
C GLY A 203 -4.40 -4.47 21.17
N GLU A 204 -3.48 -3.82 21.88
CA GLU A 204 -2.19 -4.39 22.25
C GLU A 204 -1.41 -4.83 21.01
N GLN A 205 -1.63 -4.17 19.88
CA GLN A 205 -1.01 -4.61 18.63
C GLN A 205 0.50 -4.44 18.66
N PHE A 206 1.00 -3.35 19.25
CA PHE A 206 2.45 -3.16 19.34
C PHE A 206 3.10 -4.21 20.24
N ARG A 207 2.47 -4.51 21.37
CA ARG A 207 2.96 -5.58 22.23
C ARG A 207 2.96 -6.91 21.48
N TRP A 208 1.85 -7.21 20.80
CA TRP A 208 1.75 -8.44 20.03
C TRP A 208 2.82 -8.50 18.96
N LEU A 209 3.02 -7.39 18.24
CA LEU A 209 3.98 -7.38 17.15
C LEU A 209 5.38 -7.67 17.65
N GLY A 210 5.78 -7.04 18.75
CA GLY A 210 7.07 -7.32 19.33
C GLY A 210 7.24 -8.78 19.70
N ASP A 211 6.18 -9.39 20.26
CA ASP A 211 6.25 -10.81 20.61
C ASP A 211 6.37 -11.68 19.38
N VAL A 212 5.62 -11.38 18.31
CA VAL A 212 5.75 -12.14 17.07
C VAL A 212 7.18 -12.05 16.56
N LEU A 213 7.75 -10.85 16.55
CA LEU A 213 9.09 -10.68 16.00
C LEU A 213 10.14 -11.31 16.88
N SER A 214 9.96 -11.27 18.21
CA SER A 214 10.85 -12.00 19.11
C SER A 214 10.77 -13.49 18.84
N ASN A 215 9.56 -14.02 18.64
CA ASN A 215 9.39 -15.41 18.27
C ASN A 215 10.10 -15.72 16.95
N ALA A 216 10.00 -14.83 15.96
CA ALA A 216 10.65 -15.08 14.67
C ALA A 216 12.17 -15.22 14.85
N SER A 217 12.77 -14.34 15.64
CA SER A 217 14.20 -14.44 15.93
C SER A 217 14.53 -15.76 16.60
N ARG A 218 13.75 -16.15 17.61
CA ARG A 218 13.98 -17.42 18.29
C ARG A 218 13.93 -18.59 17.33
N ASP A 219 12.99 -18.56 16.38
CA ASP A 219 12.73 -19.69 15.48
C ASP A 219 13.50 -19.59 14.17
N GLY A 220 14.41 -18.62 14.03
CA GLY A 220 15.19 -18.50 12.82
C GLY A 220 14.39 -18.15 11.59
N GLU A 221 13.30 -17.41 11.76
CA GLU A 221 12.44 -17.00 10.66
C GLU A 221 12.75 -15.55 10.25
N MET A 222 12.43 -15.24 9.00
CA MET A 222 12.39 -13.87 8.50
CA MET A 222 12.39 -13.87 8.50
C MET A 222 10.93 -13.49 8.26
N VAL A 223 10.65 -12.19 8.34
CA VAL A 223 9.26 -11.71 8.34
C VAL A 223 9.07 -10.62 7.29
N TYR A 224 7.94 -10.69 6.59
CA TYR A 224 7.40 -9.57 5.82
C TYR A 224 6.26 -8.95 6.62
N VAL A 225 6.32 -7.62 6.81
CA VAL A 225 5.30 -6.86 7.51
C VAL A 225 4.51 -6.09 6.48
N ILE A 226 3.18 -6.21 6.52
CA ILE A 226 2.29 -5.50 5.61
C ILE A 226 1.23 -4.76 6.41
N GLY A 227 0.75 -3.67 5.82
CA GLY A 227 -0.34 -2.91 6.40
C GLY A 227 -0.78 -1.87 5.41
N HIS A 228 -1.83 -1.15 5.78
CA HIS A 228 -2.38 -0.16 4.86
C HIS A 228 -1.73 1.21 5.06
N VAL A 229 -1.99 1.85 6.20
CA VAL A 229 -1.49 3.19 6.51
C VAL A 229 -0.05 3.09 6.95
N PRO A 230 0.88 3.79 6.33
CA PRO A 230 2.28 3.70 6.74
C PRO A 230 2.61 4.75 7.77
N PRO A 231 3.69 4.54 8.53
CA PRO A 231 4.22 5.63 9.35
C PRO A 231 4.89 6.68 8.48
N GLY A 232 5.34 7.77 9.08
CA GLY A 232 6.02 8.78 8.31
C GLY A 232 5.07 9.74 7.61
N PHE A 233 5.59 10.39 6.57
CA PHE A 233 4.93 11.51 5.94
C PHE A 233 4.59 11.19 4.48
N PHE A 234 3.71 12.01 3.93
CA PHE A 234 3.25 11.86 2.55
C PHE A 234 4.13 12.70 1.63
N GLU A 235 4.80 12.04 0.67
CA GLU A 235 5.82 12.71 -0.12
C GLU A 235 5.25 13.74 -1.09
N LYS A 236 3.94 13.72 -1.34
CA LYS A 236 3.35 14.66 -2.28
C LYS A 236 3.01 16.01 -1.66
N THR A 237 3.27 16.21 -0.38
CA THR A 237 2.99 17.48 0.26
C THR A 237 4.02 17.70 1.36
N GLN A 238 3.74 18.61 2.27
CA GLN A 238 4.61 18.90 3.39
C GLN A 238 3.85 18.73 4.70
N ASN A 239 4.52 18.10 5.67
CA ASN A 239 4.05 18.06 7.05
C ASN A 239 2.77 17.26 7.22
N LYS A 240 2.51 16.28 6.34
CA LYS A 240 1.32 15.44 6.43
C LYS A 240 1.73 14.03 6.83
N ALA A 241 1.45 13.67 8.07
CA ALA A 241 1.63 12.31 8.57
C ALA A 241 0.27 11.73 8.94
N TRP A 242 0.12 10.42 8.78
CA TRP A 242 -1.15 9.76 9.09
C TRP A 242 -1.23 9.33 10.55
N PHE A 243 -0.15 8.77 11.07
CA PHE A 243 -0.10 8.30 12.46
C PHE A 243 -0.09 9.46 13.43
N ARG A 244 -0.81 9.31 14.54
CA ARG A 244 -0.54 10.14 15.70
C ARG A 244 0.91 9.96 16.12
N GLU A 245 1.52 11.05 16.61
CA GLU A 245 2.96 11.05 16.86
C GLU A 245 3.38 9.90 17.75
N SER A 246 2.62 9.61 18.81
CA SER A 246 3.03 8.57 19.74
C SER A 246 3.08 7.21 19.05
N PHE A 247 2.14 6.96 18.15
CA PHE A 247 2.13 5.70 17.39
C PHE A 247 3.29 5.64 16.39
N ASN A 248 3.63 6.78 15.79
CA ASN A 248 4.78 6.84 14.90
C ASN A 248 6.05 6.51 15.65
N GLU A 249 6.23 7.09 16.83
CA GLU A 249 7.39 6.78 17.65
C GLU A 249 7.44 5.30 18.02
N GLU A 250 6.31 4.72 18.41
CA GLU A 250 6.30 3.31 18.82
C GLU A 250 6.60 2.40 17.63
N TYR A 251 6.09 2.72 16.44
CA TYR A 251 6.40 1.91 15.28
C TYR A 251 7.91 1.94 15.01
N LEU A 252 8.50 3.13 15.02
CA LEU A 252 9.95 3.24 14.80
C LEU A 252 10.72 2.43 15.83
N LYS A 253 10.28 2.46 17.08
CA LYS A 253 10.95 1.70 18.14
C LYS A 253 10.92 0.20 17.83
N VAL A 254 9.80 -0.29 17.30
CA VAL A 254 9.70 -1.71 16.95
C VAL A 254 10.70 -2.04 15.84
N ILE A 255 10.74 -1.24 14.79
CA ILE A 255 11.67 -1.51 13.69
C ILE A 255 13.10 -1.46 14.20
N GLN A 256 13.43 -0.46 15.02
CA GLN A 256 14.80 -0.34 15.51
C GLN A 256 15.19 -1.55 16.38
N LYS A 257 14.23 -2.13 17.11
CA LYS A 257 14.54 -3.30 17.92
C LYS A 257 14.62 -4.57 17.10
N HIS A 258 13.73 -4.75 16.12
CA HIS A 258 13.53 -6.03 15.47
C HIS A 258 13.92 -6.07 13.99
N HIS A 259 14.65 -5.06 13.50
CA HIS A 259 14.94 -5.00 12.06
C HIS A 259 15.62 -6.25 11.55
N ARG A 260 16.40 -6.95 12.38
CA ARG A 260 17.19 -8.07 11.86
C ARG A 260 16.30 -9.18 11.31
N VAL A 261 15.08 -9.32 11.81
CA VAL A 261 14.19 -10.38 11.32
C VAL A 261 13.19 -9.87 10.29
N ILE A 262 13.16 -8.57 10.00
CA ILE A 262 12.20 -7.99 9.06
C ILE A 262 12.87 -7.87 7.69
N ALA A 263 12.45 -8.71 6.75
CA ALA A 263 13.02 -8.73 5.41
C ALA A 263 12.31 -7.78 4.45
N GLY A 264 11.22 -7.17 4.88
CA GLY A 264 10.49 -6.25 4.03
C GLY A 264 9.27 -5.68 4.72
N GLN A 265 8.94 -4.44 4.37
CA GLN A 265 7.69 -3.82 4.78
C GLN A 265 6.98 -3.34 3.53
N PHE A 266 5.66 -3.59 3.48
CA PHE A 266 4.88 -3.35 2.26
C PHE A 266 3.57 -2.67 2.64
N PHE A 267 3.39 -1.43 2.20
CA PHE A 267 2.24 -0.63 2.61
C PHE A 267 1.63 0.04 1.39
N GLY A 268 0.45 0.60 1.60
CA GLY A 268 -0.26 1.32 0.56
C GLY A 268 -0.68 2.70 1.01
N HIS A 269 -1.95 3.03 0.77
CA HIS A 269 -2.60 4.23 1.26
C HIS A 269 -2.26 5.49 0.47
N HIS A 270 -1.01 5.62 -0.02
CA HIS A 270 -0.62 6.85 -0.71
C HIS A 270 -1.10 6.91 -2.14
N HIS A 271 -1.25 5.75 -2.79
CA HIS A 271 -1.63 5.59 -4.20
C HIS A 271 -0.47 5.92 -5.13
N THR A 272 0.63 6.40 -4.57
CA THR A 272 1.81 6.77 -5.33
C THR A 272 2.96 5.82 -4.97
N ASP A 273 4.00 5.87 -5.79
CA ASP A 273 5.10 4.93 -5.73
C ASP A 273 6.29 5.59 -5.03
N SER A 274 6.63 5.10 -3.85
CA SER A 274 7.76 5.64 -3.09
C SER A 274 8.26 4.56 -2.14
N PHE A 275 9.24 4.93 -1.32
CA PHE A 275 9.78 4.00 -0.35
C PHE A 275 10.27 4.81 0.83
N ARG A 276 10.48 4.13 1.95
CA ARG A 276 10.87 4.75 3.20
C ARG A 276 12.08 4.02 3.75
N MET A 277 13.13 4.76 4.03
CA MET A 277 14.32 4.22 4.69
C MET A 277 14.18 4.29 6.19
N PHE A 278 14.74 3.29 6.86
CA PHE A 278 14.84 3.26 8.31
C PHE A 278 16.30 3.14 8.70
N TYR A 279 16.71 3.94 9.68
CA TYR A 279 18.09 3.96 10.16
C TYR A 279 18.09 3.72 11.67
N ASP A 280 19.21 3.22 12.18
CA ASP A 280 19.39 3.12 13.62
C ASP A 280 20.19 4.33 14.12
N ASN A 281 20.44 4.36 15.43
CA ASN A 281 21.11 5.51 16.03
C ASN A 281 22.61 5.54 15.75
N THR A 282 23.13 4.63 14.94
CA THR A 282 24.48 4.77 14.40
C THR A 282 24.48 5.24 12.97
N GLY A 283 23.32 5.53 12.40
CA GLY A 283 23.21 5.91 11.01
C GLY A 283 23.14 4.76 10.05
N ALA A 284 23.23 3.53 10.53
CA ALA A 284 23.19 2.38 9.64
C ALA A 284 21.80 2.24 9.04
N PRO A 285 21.69 2.04 7.73
CA PRO A 285 20.39 1.65 7.16
C PRO A 285 20.01 0.26 7.66
N ILE A 286 18.79 0.13 8.19
CA ILE A 286 18.36 -1.11 8.80
C ILE A 286 17.11 -1.71 8.17
N ASN A 287 16.34 -0.96 7.38
CA ASN A 287 15.13 -1.54 6.80
C ASN A 287 14.61 -0.59 5.74
N VAL A 288 13.78 -1.13 4.86
CA VAL A 288 13.13 -0.32 3.84
C VAL A 288 11.67 -0.73 3.76
N MET A 289 10.81 0.27 3.60
CA MET A 289 9.38 0.06 3.36
C MET A 289 9.06 0.46 1.92
N PHE A 290 8.32 -0.40 1.23
CA PHE A 290 7.92 -0.15 -0.14
C PHE A 290 6.45 0.25 -0.17
N LEU A 291 6.18 1.46 -0.69
CA LEU A 291 4.83 2.00 -0.80
C LEU A 291 4.37 1.80 -2.24
N THR A 292 3.40 0.92 -2.43
CA THR A 292 3.02 0.56 -3.77
C THR A 292 1.90 1.46 -4.26
N PRO A 293 1.86 1.76 -5.56
CA PRO A 293 0.80 2.60 -6.08
C PRO A 293 -0.53 1.87 -6.07
N GLY A 294 -1.58 2.64 -6.27
CA GLY A 294 -2.92 2.11 -6.25
C GLY A 294 -3.42 1.78 -7.63
N VAL A 295 -4.42 0.90 -7.68
CA VAL A 295 -5.13 0.68 -8.93
C VAL A 295 -6.02 1.86 -9.25
N THR A 296 -6.65 2.47 -8.24
CA THR A 296 -7.48 3.62 -8.53
C THR A 296 -6.62 4.78 -9.02
N PRO A 297 -7.10 5.56 -9.99
CA PRO A 297 -6.37 6.73 -10.46
C PRO A 297 -6.78 8.04 -9.80
N TRP A 298 -7.79 7.95 -8.94
CA TRP A 298 -8.53 9.05 -8.35
C TRP A 298 -7.64 10.22 -7.94
N LYS A 299 -7.93 11.39 -8.50
CA LYS A 299 -7.19 12.60 -8.17
C LYS A 299 -7.51 13.01 -6.74
N THR A 300 -6.49 13.09 -5.90
CA THR A 300 -6.74 13.29 -4.49
C THR A 300 -7.32 14.67 -4.23
N THR A 301 -8.18 14.74 -3.22
CA THR A 301 -8.77 15.99 -2.74
C THR A 301 -7.98 16.59 -1.58
N LEU A 302 -6.86 15.99 -1.21
CA LEU A 302 -6.06 16.49 -0.10
C LEU A 302 -5.66 17.94 -0.36
N PRO A 303 -5.97 18.88 0.52
CA PRO A 303 -5.61 20.28 0.26
C PRO A 303 -4.11 20.44 0.04
N GLY A 304 -3.75 21.25 -0.95
CA GLY A 304 -2.38 21.57 -1.25
C GLY A 304 -1.78 20.77 -2.39
N VAL A 305 -2.27 19.56 -2.63
CA VAL A 305 -1.74 18.73 -3.71
C VAL A 305 -2.38 19.15 -5.02
N VAL A 306 -1.55 19.43 -6.02
CA VAL A 306 -2.01 19.84 -7.34
C VAL A 306 -1.88 18.66 -8.29
N ASP A 307 -2.97 18.35 -9.00
CA ASP A 307 -2.97 17.30 -10.02
C ASP A 307 -2.45 15.99 -9.46
N GLY A 308 -3.00 15.59 -8.31
CA GLY A 308 -2.55 14.41 -7.61
C GLY A 308 -3.27 13.15 -8.06
N ALA A 309 -3.32 12.94 -9.36
CA ALA A 309 -3.82 11.69 -9.91
C ALA A 309 -2.64 10.77 -10.23
N ASN A 310 -2.97 9.51 -10.49
CA ASN A 310 -1.98 8.53 -10.93
C ASN A 310 -2.62 7.62 -11.96
N ASN A 311 -1.77 6.94 -12.73
CA ASN A 311 -2.24 5.82 -13.52
C ASN A 311 -2.41 4.60 -12.63
N PRO A 312 -3.32 3.70 -12.99
CA PRO A 312 -3.43 2.43 -12.26
C PRO A 312 -2.15 1.63 -12.30
N GLY A 313 -1.76 1.10 -11.14
CA GLY A 313 -0.53 0.37 -11.01
C GLY A 313 -0.69 -0.93 -10.24
N ILE A 314 0.14 -1.91 -10.61
CA ILE A 314 0.25 -3.17 -9.90
C ILE A 314 1.74 -3.51 -9.85
N ARG A 315 2.11 -4.37 -8.89
CA ARG A 315 3.51 -4.59 -8.59
C ARG A 315 3.78 -6.04 -8.28
N ILE A 316 4.90 -6.55 -8.81
CA ILE A 316 5.38 -7.88 -8.47
C ILE A 316 6.77 -7.75 -7.87
N PHE A 317 7.02 -8.52 -6.83
CA PHE A 317 8.32 -8.59 -6.18
C PHE A 317 8.97 -9.92 -6.51
N GLU A 318 10.29 -9.91 -6.71
CA GLU A 318 11.09 -11.12 -6.82
C GLU A 318 11.90 -11.26 -5.54
N TYR A 319 11.93 -12.47 -4.98
CA TYR A 319 12.57 -12.66 -3.68
C TYR A 319 13.23 -14.03 -3.63
N ASP A 320 14.22 -14.13 -2.73
CA ASP A 320 14.90 -15.39 -2.46
C ASP A 320 14.07 -16.19 -1.47
N ARG A 321 13.59 -17.36 -1.89
CA ARG A 321 12.72 -18.14 -1.03
C ARG A 321 13.42 -18.63 0.23
N ALA A 322 14.75 -18.74 0.21
CA ALA A 322 15.47 -19.25 1.36
C ALA A 322 15.66 -18.21 2.45
N THR A 323 15.78 -16.94 2.09
CA THR A 323 16.11 -15.88 3.03
C THR A 323 15.09 -14.75 3.08
N LEU A 324 14.17 -14.68 2.13
CA LEU A 324 13.24 -13.57 1.91
C LEU A 324 13.93 -12.30 1.43
N ASN A 325 15.22 -12.36 1.11
CA ASN A 325 15.88 -11.19 0.53
C ASN A 325 15.17 -10.76 -0.76
N LEU A 326 14.87 -9.48 -0.85
CA LEU A 326 14.17 -8.93 -2.02
C LEU A 326 15.17 -8.68 -3.13
N LYS A 327 14.96 -9.34 -4.26
CA LYS A 327 15.89 -9.25 -5.38
C LYS A 327 15.50 -8.18 -6.39
N ASP A 328 14.22 -7.83 -6.50
CA ASP A 328 13.80 -6.85 -7.49
C ASP A 328 12.32 -6.59 -7.31
N LEU A 329 11.84 -5.55 -7.97
CA LEU A 329 10.41 -5.35 -8.14
C LEU A 329 10.16 -4.81 -9.53
N VAL A 330 9.03 -5.20 -10.10
CA VAL A 330 8.56 -4.70 -11.39
C VAL A 330 7.19 -4.08 -11.17
N THR A 331 7.03 -2.84 -11.60
CA THR A 331 5.74 -2.17 -11.54
C THR A 331 5.18 -2.12 -12.96
N TYR A 332 3.94 -2.57 -13.09
CA TYR A 332 3.19 -2.51 -14.34
C TYR A 332 2.11 -1.46 -14.21
N PHE A 333 1.68 -0.90 -15.34
CA PHE A 333 0.67 0.14 -15.25
C PHE A 333 -0.22 0.13 -16.48
N LEU A 334 -1.35 0.80 -16.32
CA LEU A 334 -2.28 1.06 -17.40
C LEU A 334 -2.23 2.55 -17.68
N ASN A 335 -1.82 2.91 -18.89
CA ASN A 335 -1.89 4.31 -19.28
C ASN A 335 -3.35 4.62 -19.56
N LEU A 336 -4.02 5.22 -18.58
CA LEU A 336 -5.47 5.36 -18.65
C LEU A 336 -5.89 6.23 -19.84
N ARG A 337 -5.13 7.28 -20.11
CA ARG A 337 -5.47 8.15 -21.25
C ARG A 337 -5.49 7.36 -22.54
N GLN A 338 -4.49 6.50 -22.76
CA GLN A 338 -4.45 5.67 -23.94
C GLN A 338 -5.52 4.59 -23.89
N ALA A 339 -5.67 3.92 -22.75
CA ALA A 339 -6.60 2.80 -22.65
C ALA A 339 -8.03 3.19 -23.00
N ASN A 340 -8.41 4.43 -22.71
CA ASN A 340 -9.81 4.81 -22.90
C ASN A 340 -10.18 5.09 -24.35
N VAL A 341 -9.22 5.08 -25.27
CA VAL A 341 -9.56 5.11 -26.69
C VAL A 341 -9.44 3.74 -27.34
N GLN A 342 -9.24 2.70 -26.53
CA GLN A 342 -8.95 1.37 -27.04
C GLN A 342 -10.02 0.38 -26.63
N GLU A 343 -10.14 -0.69 -27.43
CA GLU A 343 -11.17 -1.71 -27.19
C GLU A 343 -10.87 -2.51 -25.93
N THR A 344 -9.60 -2.83 -25.70
CA THR A 344 -9.21 -3.62 -24.54
C THR A 344 -8.01 -2.95 -23.88
N PRO A 345 -8.06 -2.66 -22.58
CA PRO A 345 -6.88 -2.08 -21.94
C PRO A 345 -5.74 -3.09 -21.92
N ARG A 346 -4.53 -2.62 -22.19
CA ARG A 346 -3.36 -3.48 -22.18
C ARG A 346 -2.31 -2.90 -21.25
N TRP A 347 -2.07 -3.60 -20.14
CA TRP A 347 -1.10 -3.17 -19.16
C TRP A 347 0.31 -3.41 -19.68
N GLU A 348 1.23 -2.57 -19.24
CA GLU A 348 2.60 -2.64 -19.70
C GLU A 348 3.55 -2.46 -18.53
N GLN A 349 4.77 -2.94 -18.69
CA GLN A 349 5.79 -2.73 -17.68
C GLN A 349 6.11 -1.24 -17.58
N GLU A 350 6.10 -0.72 -16.36
CA GLU A 350 6.54 0.65 -16.13
C GLU A 350 8.05 0.69 -15.94
N TYR A 351 8.55 -0.03 -14.94
CA TYR A 351 9.99 -0.07 -14.70
C TYR A 351 10.32 -1.30 -13.86
N ARG A 352 11.57 -1.72 -13.96
CA ARG A 352 12.19 -2.71 -13.10
C ARG A 352 13.16 -1.96 -12.19
N LEU A 353 13.07 -2.22 -10.88
CA LEU A 353 13.79 -1.41 -9.91
C LEU A 353 15.29 -1.41 -10.17
N THR A 354 15.88 -2.60 -10.38
CA THR A 354 17.33 -2.68 -10.56
C THR A 354 17.78 -1.86 -11.76
N GLU A 355 16.97 -1.85 -12.83
CA GLU A 355 17.32 -1.08 -14.02
C GLU A 355 17.16 0.41 -13.79
N ALA A 356 16.08 0.80 -13.13
CA ALA A 356 15.78 2.21 -12.93
C ALA A 356 16.85 2.91 -12.12
N TYR A 357 17.37 2.24 -11.09
CA TYR A 357 18.33 2.85 -10.18
C TYR A 357 19.71 2.24 -10.28
N GLN A 358 19.93 1.30 -11.19
CA GLN A 358 21.26 0.71 -11.40
C GLN A 358 21.82 0.18 -10.09
N VAL A 359 21.02 -0.66 -9.44
CA VAL A 359 21.41 -1.31 -8.19
C VAL A 359 21.26 -2.81 -8.40
N PRO A 360 21.97 -3.62 -7.62
CA PRO A 360 21.97 -5.07 -7.86
C PRO A 360 20.73 -5.79 -7.34
N ASP A 361 19.94 -5.17 -6.47
CA ASP A 361 18.79 -5.85 -5.90
C ASP A 361 17.96 -4.80 -5.16
N ALA A 362 16.99 -5.28 -4.36
CA ALA A 362 16.09 -4.40 -3.61
C ALA A 362 16.40 -4.43 -2.12
N SER A 363 17.66 -4.72 -1.77
CA SER A 363 18.10 -4.74 -0.40
C SER A 363 18.11 -3.33 0.18
N VAL A 364 18.27 -3.26 1.51
CA VAL A 364 18.35 -1.98 2.19
CA VAL A 364 18.34 -1.97 2.18
C VAL A 364 19.52 -1.17 1.64
N SER A 365 20.66 -1.82 1.40
CA SER A 365 21.81 -1.11 0.87
CA SER A 365 21.81 -1.11 0.87
C SER A 365 21.53 -0.57 -0.52
N SER A 366 20.84 -1.36 -1.35
CA SER A 366 20.51 -0.91 -2.70
C SER A 366 19.51 0.24 -2.68
N MET A 367 18.49 0.16 -1.80
CA MET A 367 17.55 1.26 -1.71
C MET A 367 18.20 2.51 -1.12
N HIS A 368 19.16 2.35 -0.22
CA HIS A 368 19.91 3.50 0.25
C HIS A 368 20.66 4.16 -0.90
N THR A 369 21.30 3.36 -1.76
CA THR A 369 21.96 3.90 -2.94
C THR A 369 20.95 4.60 -3.86
N ALA A 370 19.79 3.99 -4.06
CA ALA A 370 18.76 4.64 -4.86
C ALA A 370 18.41 6.01 -4.30
N LEU A 371 18.26 6.11 -2.98
CA LEU A 371 17.94 7.40 -2.39
C LEU A 371 19.05 8.42 -2.64
N THR A 372 20.30 8.00 -2.46
CA THR A 372 21.41 8.94 -2.65
C THR A 372 21.43 9.45 -4.09
N ARG A 373 21.10 8.60 -5.05
CA ARG A 373 21.07 9.04 -6.45
C ARG A 373 19.88 9.95 -6.71
N ILE A 374 18.70 9.60 -6.17
CA ILE A 374 17.55 10.49 -6.29
C ILE A 374 17.90 11.88 -5.78
N ALA A 375 18.64 11.95 -4.67
CA ALA A 375 18.94 13.21 -4.02
C ALA A 375 20.08 13.98 -4.67
N SER A 376 20.87 13.36 -5.54
CA SER A 376 22.05 14.00 -6.10
C SER A 376 22.10 14.05 -7.62
N GLU A 377 21.27 13.30 -8.33
CA GLU A 377 21.36 13.22 -9.79
C GLU A 377 20.04 13.65 -10.43
N PRO A 378 20.00 14.78 -11.15
CA PRO A 378 18.72 15.25 -11.70
C PRO A 378 17.94 14.20 -12.47
N HIS A 379 18.60 13.39 -13.29
CA HIS A 379 17.84 12.47 -14.15
C HIS A 379 17.28 11.30 -13.36
N ILE A 380 17.91 10.92 -12.24
CA ILE A 380 17.34 9.88 -11.39
C ILE A 380 16.20 10.43 -10.56
N LEU A 381 16.35 11.66 -10.05
CA LEU A 381 15.22 12.34 -9.40
C LEU A 381 14.02 12.38 -10.32
N GLN A 382 14.21 12.82 -11.57
CA GLN A 382 13.08 12.93 -12.46
C GLN A 382 12.48 11.57 -12.78
N ARG A 383 13.32 10.56 -12.95
CA ARG A 383 12.82 9.21 -13.17
C ARG A 383 11.94 8.76 -12.01
N TYR A 384 12.45 8.89 -10.78
CA TYR A 384 11.67 8.58 -9.58
C TYR A 384 10.38 9.39 -9.55
N TYR A 385 10.43 10.66 -9.92
CA TYR A 385 9.24 11.50 -9.82
C TYR A 385 8.18 11.10 -10.83
N VAL A 386 8.60 10.75 -12.05
CA VAL A 386 7.63 10.27 -13.03
C VAL A 386 6.98 8.98 -12.56
N TYR A 387 7.79 8.04 -12.05
CA TYR A 387 7.20 6.81 -11.53
C TYR A 387 6.34 7.04 -10.29
N ASN A 388 6.56 8.14 -9.57
CA ASN A 388 5.79 8.39 -8.34
C ASN A 388 4.30 8.49 -8.62
N SER A 389 3.93 9.09 -9.76
CA SER A 389 2.53 9.17 -10.18
C SER A 389 2.16 8.05 -11.12
N VAL A 390 2.98 7.00 -11.21
CA VAL A 390 2.77 5.90 -12.15
C VAL A 390 2.75 6.49 -13.56
N SER A 391 3.71 7.38 -13.83
CA SER A 391 3.94 7.94 -15.16
C SER A 391 2.74 8.72 -15.68
N TYR A 392 1.99 9.34 -14.75
CA TYR A 392 0.90 10.22 -15.13
C TYR A 392 1.41 11.64 -15.38
N ASN A 393 2.29 12.15 -14.52
CA ASN A 393 2.81 13.50 -14.63
C ASN A 393 4.28 13.47 -15.05
N HIS A 394 4.59 14.20 -16.12
CA HIS A 394 5.94 14.24 -16.66
C HIS A 394 6.60 15.61 -16.48
N LEU A 395 5.95 16.53 -15.77
CA LEU A 395 6.56 17.82 -15.52
C LEU A 395 7.79 17.65 -14.64
N THR A 396 8.66 18.65 -14.68
CA THR A 396 9.93 18.58 -13.97
C THR A 396 9.73 18.80 -12.48
N CYS A 397 10.29 17.91 -11.67
CA CYS A 397 10.28 18.05 -10.22
C CYS A 397 11.34 19.08 -9.83
N GLU A 398 10.89 20.26 -9.42
CA GLU A 398 11.79 21.37 -9.08
C GLU A 398 12.25 21.23 -7.64
N ASP A 399 12.88 22.29 -7.10
CA ASP A 399 13.57 22.18 -5.82
C ASP A 399 12.62 21.85 -4.68
N SER A 400 11.46 22.51 -4.63
CA SER A 400 10.53 22.25 -3.54
C SER A 400 9.99 20.83 -3.61
N CYS A 401 9.63 20.38 -4.81
CA CYS A 401 9.25 18.98 -5.00
C CYS A 401 10.37 18.05 -4.55
N ARG A 402 11.60 18.35 -4.97
CA ARG A 402 12.73 17.49 -4.60
C ARG A 402 12.83 17.32 -3.09
N ILE A 403 12.76 18.43 -2.36
CA ILE A 403 12.97 18.37 -0.91
C ILE A 403 11.83 17.63 -0.23
N GLU A 404 10.61 17.81 -0.71
CA GLU A 404 9.48 17.10 -0.12
C GLU A 404 9.64 15.59 -0.28
N HIS A 405 10.13 15.14 -1.43
CA HIS A 405 10.28 13.71 -1.66
C HIS A 405 11.48 13.15 -0.89
N VAL A 406 12.64 13.80 -1.00
CA VAL A 406 13.83 13.29 -0.32
C VAL A 406 13.61 13.23 1.18
N CYS A 407 13.02 14.28 1.76
CA CYS A 407 12.82 14.29 3.21
C CYS A 407 11.85 13.20 3.64
N ALA A 408 10.83 12.94 2.83
CA ALA A 408 9.85 11.92 3.20
C ALA A 408 10.44 10.52 3.10
N ILE A 409 11.27 10.28 2.09
CA ILE A 409 11.90 8.97 1.92
C ILE A 409 12.87 8.72 3.07
N GLN A 410 13.59 9.75 3.48
CA GLN A 410 14.71 9.60 4.39
CA GLN A 410 14.70 9.60 4.40
C GLN A 410 14.29 9.61 5.86
N HIS A 411 13.22 10.33 6.21
CA HIS A 411 12.89 10.60 7.61
C HIS A 411 11.45 10.21 7.94
N VAL A 412 11.29 9.04 8.55
CA VAL A 412 9.99 8.64 9.06
C VAL A 412 9.68 9.35 10.39
N ALA A 413 10.69 9.71 11.16
CA ALA A 413 10.47 10.38 12.43
C ALA A 413 10.02 11.82 12.23
N PHE A 414 9.11 12.27 13.11
CA PHE A 414 8.55 13.61 12.97
C PHE A 414 9.61 14.69 13.05
N ASN A 415 10.51 14.59 14.04
CA ASN A 415 11.41 15.71 14.31
C ASN A 415 12.51 15.84 13.27
N THR A 416 13.07 14.72 12.82
CA THR A 416 14.09 14.79 11.77
C THR A 416 13.48 15.12 10.43
N TYR A 417 12.23 14.72 10.17
CA TYR A 417 11.56 15.16 8.95
C TYR A 417 11.43 16.67 8.94
N ALA A 418 10.97 17.25 10.06
CA ALA A 418 10.77 18.70 10.11
C ALA A 418 12.08 19.45 9.89
N THR A 419 13.17 18.97 10.50
CA THR A 419 14.47 19.63 10.30
C THR A 419 14.90 19.55 8.84
N CYS A 420 14.70 18.38 8.22
CA CYS A 420 15.02 18.23 6.80
C CYS A 420 14.29 19.27 5.95
N LEU A 421 13.04 19.56 6.28
CA LEU A 421 12.24 20.48 5.47
C LEU A 421 12.72 21.93 5.56
N HIS A 422 13.52 22.27 6.57
CA HIS A 422 14.17 23.58 6.58
C HIS A 422 15.06 23.78 5.36
N GLY A 423 15.48 22.69 4.71
CA GLY A 423 16.37 22.78 3.57
C GLY A 423 15.90 23.72 2.48
C1 NAG B . -12.83 -9.24 -16.87
C2 NAG B . -14.10 -9.25 -17.73
C3 NAG B . -14.12 -10.49 -18.62
C4 NAG B . -12.81 -10.66 -19.36
C5 NAG B . -11.61 -10.51 -18.43
C6 NAG B . -10.28 -10.49 -19.16
C7 NAG B . -16.01 -8.08 -16.71
C8 NAG B . -17.20 -8.23 -15.81
N2 NAG B . -15.28 -9.20 -16.89
O3 NAG B . -15.18 -10.35 -19.56
O4 NAG B . -12.79 -11.98 -19.89
O5 NAG B . -11.70 -9.28 -17.70
O6 NAG B . -10.12 -9.33 -19.96
O7 NAG B . -15.73 -7.03 -17.26
H1 NAG B . -12.83 -10.02 -16.29
H2 NAG B . -14.08 -8.45 -18.30
H3 NAG B . -14.29 -11.27 -18.06
H4 NAG B . -12.75 -10.02 -20.09
H5 NAG B . -11.60 -11.25 -17.80
H61 NAG B . -10.23 -11.28 -19.73
H62 NAG B . -9.56 -10.52 -18.50
H81 NAG B . -16.90 -8.49 -14.92
H82 NAG B . -17.81 -8.89 -16.18
H83 NAG B . -17.66 -7.37 -15.74
HN2 NAG B . -15.54 -9.96 -16.46
HO3 NAG B . -15.06 -10.94 -20.22
HO6 NAG B . -10.85 -8.83 -19.90
C1 NAG B . -12.46 -11.98 -21.29
C2 NAG B . -12.27 -13.43 -21.69
C3 NAG B . -11.90 -13.51 -23.16
C4 NAG B . -12.97 -12.83 -24.00
C5 NAG B . -13.25 -11.41 -23.50
C6 NAG B . -14.46 -10.79 -24.16
C7 NAG B . -9.98 -13.79 -20.84
C8 NAG B . -9.13 -14.59 -19.89
N2 NAG B . -11.28 -14.10 -20.85
O3 NAG B . -11.75 -14.88 -23.55
O4 NAG B . -12.55 -12.77 -25.36
O5 NAG B . -13.50 -11.40 -22.09
O6 NAG B . -15.65 -11.10 -23.45
O7 NAG B . -9.52 -12.91 -21.55
H1 NAG B . -11.64 -11.50 -21.44
H2 NAG B . -13.13 -13.89 -21.58
H3 NAG B . -11.04 -13.05 -23.30
H4 NAG B . -13.79 -13.35 -23.94
H5 NAG B . -12.47 -10.85 -23.69
H61 NAG B . -14.54 -11.13 -25.07
H62 NAG B . -14.34 -9.82 -24.20
H81 NAG B . -9.45 -14.46 -18.99
H82 NAG B . -8.20 -14.30 -19.96
H83 NAG B . -9.19 -15.54 -20.14
HN2 NAG B . -11.57 -14.76 -20.30
HO3 NAG B . -12.35 -15.37 -23.12
HO4 NAG B . -13.27 -12.72 -25.89
HO6 NAG B . -16.15 -10.37 -23.39
C1 NAG C . 5.28 -16.98 20.54
C2 NAG C . 3.78 -16.73 20.29
C3 NAG C . 2.93 -17.51 21.31
C4 NAG C . 3.33 -18.98 21.36
C5 NAG C . 4.83 -19.09 21.61
C6 NAG C . 5.33 -20.51 21.58
C7 NAG C . 2.78 -14.66 19.43
C8 NAG C . 2.53 -13.20 19.70
N2 NAG C . 3.47 -15.31 20.38
O3 NAG C . 1.56 -17.42 20.92
O4 NAG C . 2.66 -19.61 22.44
O5 NAG C . 5.53 -18.39 20.58
O6 NAG C . 6.62 -20.62 22.19
O7 NAG C . 2.41 -15.20 18.41
H1 NAG C . 5.54 -16.59 21.39
H2 NAG C . 3.55 -17.05 19.40
H3 NAG C . 3.03 -17.11 22.19
H4 NAG C . 3.11 -19.42 20.52
H5 NAG C . 5.04 -18.69 22.47
H61 NAG C . 5.39 -20.82 20.66
H62 NAG C . 4.70 -21.08 22.07
H81 NAG C . 2.01 -13.12 20.52
H82 NAG C . 2.03 -12.82 18.96
H83 NAG C . 3.38 -12.74 19.80
HN2 NAG C . 3.72 -14.86 21.13
HO3 NAG C . 1.18 -16.75 21.36
HO6 NAG C . 7.23 -20.35 21.61
C1 NAG C . 1.69 -20.54 21.97
C2 NAG C . 1.34 -21.44 23.14
C3 NAG C . 0.22 -22.41 22.77
C4 NAG C . -0.95 -21.67 22.16
C5 NAG C . -0.47 -20.77 21.03
C6 NAG C . -1.57 -19.92 20.42
C7 NAG C . 3.31 -21.79 24.60
C8 NAG C . 4.47 -22.67 24.90
N2 NAG C . 2.52 -22.17 23.57
O3 NAG C . -0.21 -23.11 23.93
O4 NAG C . -1.90 -22.61 21.65
O5 NAG C . 0.53 -19.87 21.52
O6 NAG C . -2.31 -19.22 21.42
O7 NAG C . 3.06 -20.78 25.25
H1 NAG C . 2.07 -21.07 21.24
H2 NAG C . 1.03 -20.89 23.88
H3 NAG C . 0.57 -23.06 22.12
H4 NAG C . -1.39 -21.13 22.85
H5 NAG C . -0.09 -21.33 20.32
H61 NAG C . -2.18 -20.49 19.92
H62 NAG C . -1.17 -19.27 19.81
H81 NAG C . 5.06 -22.71 24.12
H82 NAG C . 4.17 -23.56 25.12
H83 NAG C . 4.97 -22.30 25.65
HN2 NAG C . 2.76 -22.94 23.13
HO3 NAG C . -0.97 -22.78 24.22
HO6 NAG C . -1.75 -18.76 21.93
C1 BMA C . -3.20 -22.45 22.24
C2 BMA C . -4.19 -23.05 21.23
C3 BMA C . -5.61 -23.18 21.80
C4 BMA C . -5.66 -23.57 23.31
C5 BMA C . -4.49 -22.97 24.14
C6 BMA C . -4.33 -23.65 25.50
O2 BMA C . -3.78 -24.37 20.87
O3 BMA C . -6.28 -24.18 21.04
O4 BMA C . -6.88 -23.13 23.87
O5 BMA C . -3.26 -23.13 23.46
O6 BMA C . -4.00 -25.02 25.28
H1 BMA C . -3.42 -21.38 22.40
H2 BMA C . -4.21 -22.40 20.34
H3 BMA C . -6.16 -22.25 21.67
H4 BMA C . -5.57 -24.67 23.37
H5 BMA C . -4.69 -21.90 24.32
H61 BMA C . -5.28 -23.55 26.05
H62 BMA C . -3.55 -23.11 26.05
HO2 BMA C . -2.85 -24.30 20.61
HO4 BMA C . -7.33 -23.94 24.18
HO6 BMA C . -3.71 -25.10 24.36
C1 MAN C . -7.70 -24.01 20.75
C2 MAN C . -7.92 -24.99 19.56
C3 MAN C . -8.74 -24.32 18.49
C4 MAN C . -9.95 -23.68 19.13
C5 MAN C . -9.49 -22.45 19.93
C6 MAN C . -10.44 -22.11 21.06
O2 MAN C . -8.68 -26.14 19.98
O3 MAN C . -9.13 -25.24 17.47
O4 MAN C . -10.88 -23.29 18.14
O5 MAN C . -8.12 -22.66 20.47
O6 MAN C . -10.09 -20.83 21.58
H1 MAN C . -8.30 -24.31 21.62
H2 MAN C . -6.95 -25.28 19.16
H3 MAN C . -8.14 -23.54 18.01
H4 MAN C . -10.40 -24.40 19.84
H5 MAN C . -9.48 -21.59 19.23
H61 MAN C . -10.37 -22.90 21.82
H62 MAN C . -11.47 -22.11 20.65
HO2 MAN C . -8.09 -26.89 20.05
HO3 MAN C . -8.39 -25.86 17.39
HO4 MAN C . -10.72 -23.88 17.39
HO6 MAN C . -10.64 -20.68 22.36
C1 NAG D . -24.72 4.39 -5.38
C2 NAG D . -24.31 5.09 -4.07
C3 NAG D . -25.21 4.66 -2.89
C4 NAG D . -26.68 4.67 -3.26
C5 NAG D . -26.87 3.88 -4.55
C6 NAG D . -28.31 3.84 -5.02
C7 NAG D . -21.98 5.70 -3.56
C8 NAG D . -20.61 5.16 -3.27
N2 NAG D . -22.92 4.78 -3.77
O3 NAG D . -24.99 5.55 -1.80
O4 NAG D . -27.43 4.03 -2.22
O5 NAG D . -26.11 4.52 -5.59
O6 NAG D . -28.42 3.01 -6.17
O7 NAG D . -22.21 6.90 -3.62
H1 NAG D . -24.49 3.44 -5.33
H2 NAG D . -24.40 6.06 -4.19
H3 NAG D . -24.95 3.76 -2.62
H4 NAG D . -26.99 5.58 -3.38
H5 NAG D . -26.55 2.97 -4.43
H61 NAG D . -28.61 4.74 -5.24
H62 NAG D . -28.87 3.47 -4.30
H81 NAG D . -19.99 5.92 -3.14
H82 NAG D . -20.31 4.62 -4.02
H83 NAG D . -20.64 4.62 -2.46
HN2 NAG D . -22.68 3.89 -3.72
HO3 NAG D . -25.19 5.13 -1.04
C1 NAG D . -28.43 4.90 -1.67
C2 NAG D . -29.21 4.07 -0.65
C3 NAG D . -30.28 4.93 0.02
C4 NAG D . -29.65 6.18 0.62
C5 NAG D . -28.85 6.93 -0.44
C6 NAG D . -28.10 8.12 0.11
C7 NAG D . -29.59 1.66 -0.90
C8 NAG D . -30.30 0.58 -1.67
N2 NAG D . -29.82 2.91 -1.29
O3 NAG D . -30.92 4.17 1.05
O4 NAG D . -30.67 7.04 1.13
O5 NAG D . -27.87 6.05 -1.02
O6 NAG D . -27.68 9.00 -0.92
O7 NAG D . -28.84 1.40 0.04
H1 NAG D . -29.04 5.20 -2.38
H2 NAG D . -28.60 3.77 0.03
H3 NAG D . -30.95 5.19 -0.65
H4 NAG D . -29.06 5.93 1.35
H5 NAG D . -29.46 7.23 -1.15
H61 NAG D . -27.32 7.81 0.60
H62 NAG D . -28.69 8.60 0.73
H81 NAG D . -30.03 0.63 -2.60
H82 NAG D . -31.27 0.72 -1.60
H83 NAG D . -30.06 -0.29 -1.29
HN2 NAG D . -30.38 3.05 -2.00
HO3 NAG D . -31.51 4.68 1.47
HO4 NAG D . -30.33 7.59 1.73
HO6 NAG D . -27.39 9.76 -0.56
C1 FUC D . -29.59 2.17 -6.08
C2 FUC D . -29.82 1.64 -7.51
C3 FUC D . -28.63 0.76 -7.91
C4 FUC D . -28.49 -0.40 -6.93
C5 FUC D . -28.39 0.12 -5.48
C6 FUC D . -28.53 -0.99 -4.44
O2 FUC D . -30.04 2.69 -8.45
O3 FUC D . -28.84 0.23 -9.21
O4 FUC D . -29.60 -1.28 -7.04
O5 FUC D . -29.43 1.09 -5.17
H1 FUC D . -30.46 2.74 -5.74
H2 FUC D . -30.72 1.03 -7.50
H3 FUC D . -27.72 1.38 -7.90
H4 FUC D . -27.55 -0.95 -7.14
H5 FUC D . -27.42 0.62 -5.38
H61 FUC D . -29.49 -1.50 -4.55
H62 FUC D . -28.45 -0.57 -3.43
H63 FUC D . -27.73 -1.73 -4.57
HO2 FUC D . -30.62 2.32 -9.13
HO3 FUC D . -28.58 0.92 -9.83
HO4 FUC D . -29.94 -1.14 -7.94
ZN ZN E . -6.08 4.59 2.75
ZN ZN F . -6.62 4.55 -0.82
ZN ZN G . -9.54 8.65 2.40
ZN ZN H . 2.86 2.73 -23.10
ZN ZN I . 20.16 -2.98 15.30
N NO3 J . 14.33 2.75 -16.23
O1 NO3 J . 13.49 2.20 -15.47
O2 NO3 J . 14.49 4.00 -16.16
O3 NO3 J . 15.00 2.07 -17.06
N NO3 K . 9.26 -3.23 20.85
O1 NO3 K . 9.20 -4.33 20.24
O2 NO3 K . 8.49 -3.00 21.83
O3 NO3 K . 10.09 -2.34 20.49
P1 PC L . -7.18 7.13 1.15
O1 PC L . -7.54 6.26 -0.04
O3 PC L . -8.17 8.26 1.24
O4 PC L . -7.23 6.35 2.44
O2 PC L . -5.68 7.72 0.91
C1 PC L . -5.33 8.90 1.55
C2 PC L . -4.02 9.39 0.91
N1 PC L . -4.25 10.28 -0.22
C3 PC L . -2.95 10.62 -0.77
C4 PC L . -4.86 11.52 0.24
C5 PC L . -5.05 9.66 -1.27
H11 PC L . -5.19 8.74 2.49
H12 PC L . -6.01 9.57 1.43
H21 PC L . -3.51 8.62 0.60
H22 PC L . -3.50 9.87 1.57
H31 PC L . -2.31 10.72 -0.05
H32 PC L . -3.01 11.45 -1.26
H33 PC L . -2.66 9.91 -1.37
H41 PC L . -5.00 12.12 -0.52
H42 PC L . -4.26 11.96 0.87
H43 PC L . -5.70 11.34 0.67
H51 PC L . -4.48 9.09 -1.81
H52 PC L . -5.43 10.35 -1.84
H53 PC L . -5.75 9.13 -0.87
#